data_6UB4
#
_entry.id   6UB4
#
_cell.length_a   156.775
_cell.length_b   46.520
_cell.length_c   114.786
_cell.angle_alpha   90.000
_cell.angle_beta   119.500
_cell.angle_gamma   90.000
#
_symmetry.space_group_name_H-M   'C 1 2 1'
#
loop_
_entity.id
_entity.type
_entity.pdbx_description
1 polymer 'GLYCOSIDE HYDROLASE'
2 branched beta-D-glucopyranose-(1-3)-beta-D-glucopyranose-(1-3)-beta-D-glucopyranose
3 branched beta-D-glucopyranose-(1-3)-beta-D-glucopyranose
4 non-polymer 'CHLORIDE ION'
5 non-polymer '2-(N-MORPHOLINO)-ETHANESULFONIC ACID'
6 water water
#
_entity_poly.entity_id   1
_entity_poly.type   'polypeptide(L)'
_entity_poly.pdbx_seq_one_letter_code
;MGSSHHHHHHSSGLVPRGSHMASGKRGLAWPWYNSPLDPGVLNNGDGEVVAIYDWETYAPPTSTGGTGGLGFIGMQGTMD
SDSSPVAQLATRQAQQGWATVFSLNEPDINGITPAEAASWYIEWVNPLAIKKALPAVTSSTTSGQGLSWLSEMISACAGA
CYFDYINLHWYGTSFAEFQAYIEQAHNQFPSYTIVISEFALTNGGNQVAFFESAFPFLDGLSYVLLYFPFVATSPALLQA
NDPGAVTTVGTGSCLYTNAGGPSSVGNLMY
;
_entity_poly.pdbx_strand_id   A,B
#
loop_
_chem_comp.id
_chem_comp.type
_chem_comp.name
_chem_comp.formula
BGC D-saccharide, beta linking beta-D-glucopyranose 'C6 H12 O6'
CL non-polymer 'CHLORIDE ION' 'Cl -1'
MES non-polymer '2-(N-MORPHOLINO)-ETHANESULFONIC ACID' 'C6 H13 N O4 S'
#
# COMPACT_ATOMS: atom_id res chain seq x y z
N GLY A 24 -12.89 -10.10 -30.97
CA GLY A 24 -11.52 -9.50 -31.08
C GLY A 24 -11.16 -8.75 -29.80
N LYS A 25 -11.02 -9.45 -28.68
CA LYS A 25 -10.74 -8.83 -27.36
C LYS A 25 -9.35 -9.18 -26.85
N ARG A 26 -8.58 -10.04 -27.53
CA ARG A 26 -7.40 -10.65 -26.83
C ARG A 26 -6.14 -9.83 -27.07
N GLY A 27 -5.24 -9.80 -26.10
CA GLY A 27 -4.00 -9.03 -26.26
C GLY A 27 -2.82 -9.71 -25.62
N LEU A 28 -1.63 -9.31 -26.07
CA LEU A 28 -0.35 -9.86 -25.59
C LEU A 28 0.23 -8.96 -24.50
N ALA A 29 0.37 -9.53 -23.31
CA ALA A 29 1.06 -8.85 -22.19
C ALA A 29 2.53 -9.19 -22.40
N TRP A 30 3.26 -8.25 -22.99
CA TRP A 30 4.57 -8.48 -23.67
C TRP A 30 5.72 -7.83 -22.86
N PRO A 31 6.50 -8.61 -22.08
CA PRO A 31 7.53 -8.02 -21.22
C PRO A 31 8.74 -7.39 -21.95
N TRP A 32 9.50 -6.59 -21.18
CA TRP A 32 10.69 -5.87 -21.67
C TRP A 32 11.75 -6.84 -22.22
N TYR A 33 11.83 -8.05 -21.66
CA TYR A 33 12.89 -9.06 -21.95
C TYR A 33 12.53 -9.91 -23.18
N ASN A 34 11.55 -9.50 -23.99
CA ASN A 34 10.98 -10.44 -25.02
C ASN A 34 11.63 -10.29 -26.42
N SER A 35 12.84 -9.72 -26.51
CA SER A 35 13.62 -9.62 -27.78
C SER A 35 13.73 -10.95 -28.50
N PRO A 36 13.91 -12.13 -27.82
CA PRO A 36 14.02 -13.40 -28.53
C PRO A 36 12.74 -13.87 -29.26
N LEU A 37 11.59 -13.25 -28.93
CA LEU A 37 10.30 -13.79 -29.42
C LEU A 37 9.62 -12.84 -30.38
N ASP A 38 8.66 -13.44 -31.15
CA ASP A 38 7.95 -12.84 -32.31
C ASP A 38 6.47 -12.80 -31.97
N PRO A 39 5.88 -11.59 -31.81
CA PRO A 39 4.47 -11.44 -31.44
C PRO A 39 3.53 -11.96 -32.60
N GLY A 40 4.07 -11.99 -33.83
CA GLY A 40 3.30 -12.42 -35.05
C GLY A 40 2.94 -13.91 -35.00
N VAL A 41 3.74 -14.69 -34.22
CA VAL A 41 3.43 -16.15 -33.84
C VAL A 41 1.99 -16.31 -33.34
N LEU A 42 1.46 -15.35 -32.55
CA LEU A 42 0.12 -15.50 -31.90
C LEU A 42 -0.94 -14.71 -32.67
N ASN A 43 -0.57 -14.23 -33.87
CA ASN A 43 -1.52 -13.51 -34.78
C ASN A 43 -1.62 -14.35 -36.05
N ASN A 44 -2.74 -15.05 -36.25
CA ASN A 44 -2.94 -15.91 -37.44
C ASN A 44 -3.86 -15.24 -38.47
N GLY A 45 -4.21 -13.97 -38.31
CA GLY A 45 -5.10 -13.27 -39.26
C GLY A 45 -6.58 -13.45 -38.98
N ASP A 46 -7.00 -14.34 -38.06
CA ASP A 46 -8.44 -14.56 -37.71
C ASP A 46 -8.99 -13.40 -36.86
N GLY A 47 -8.13 -12.62 -36.19
CA GLY A 47 -8.51 -11.32 -35.59
C GLY A 47 -9.11 -11.42 -34.20
N GLU A 48 -8.84 -12.50 -33.48
CA GLU A 48 -9.16 -12.58 -32.04
C GLU A 48 -8.12 -11.79 -31.25
N VAL A 49 -6.86 -11.84 -31.67
CA VAL A 49 -5.73 -11.13 -31.00
C VAL A 49 -5.55 -9.78 -31.72
N VAL A 50 -5.73 -8.68 -31.01
CA VAL A 50 -5.79 -7.31 -31.58
C VAL A 50 -4.78 -6.35 -30.94
N ALA A 51 -4.23 -6.64 -29.75
CA ALA A 51 -3.50 -5.61 -28.99
C ALA A 51 -2.23 -6.20 -28.38
N ILE A 52 -1.34 -5.33 -27.99
CA ILE A 52 -0.09 -5.70 -27.29
C ILE A 52 0.28 -4.51 -26.42
N TYR A 53 0.84 -4.75 -25.24
CA TYR A 53 1.36 -3.67 -24.38
C TYR A 53 2.58 -4.24 -23.66
N ASP A 54 3.50 -3.40 -23.19
CA ASP A 54 4.79 -3.89 -22.65
C ASP A 54 5.12 -3.25 -21.32
N TRP A 55 4.07 -2.74 -20.64
CA TRP A 55 4.16 -2.03 -19.36
C TRP A 55 4.93 -0.70 -19.47
N GLU A 56 5.23 -0.27 -20.69
CA GLU A 56 6.10 0.92 -20.95
C GLU A 56 5.47 1.80 -22.07
N THR A 57 6.13 2.93 -22.38
CA THR A 57 5.77 3.83 -23.50
C THR A 57 6.70 3.66 -24.70
N TYR A 58 7.71 2.76 -24.60
CA TYR A 58 8.62 2.43 -25.76
C TYR A 58 7.99 1.24 -26.53
N ALA A 59 8.23 1.15 -27.84
CA ALA A 59 7.74 0.08 -28.74
C ALA A 59 8.20 -1.32 -28.23
N PRO A 60 7.32 -2.35 -28.37
CA PRO A 60 7.66 -3.71 -27.93
C PRO A 60 9.04 -4.17 -28.42
N PRO A 61 9.95 -4.63 -27.53
CA PRO A 61 11.17 -5.31 -27.96
C PRO A 61 10.87 -6.72 -28.51
N THR A 62 11.14 -6.96 -29.81
CA THR A 62 10.71 -8.22 -30.47
C THR A 62 11.85 -8.70 -31.38
N SER A 63 11.84 -9.98 -31.75
CA SER A 63 12.81 -10.65 -32.69
C SER A 63 12.84 -9.93 -34.04
N THR A 64 11.67 -9.37 -34.44
CA THR A 64 11.40 -8.70 -35.75
C THR A 64 11.58 -7.18 -35.64
N GLY A 65 11.35 -6.58 -34.46
CA GLY A 65 11.30 -5.11 -34.26
C GLY A 65 9.94 -4.52 -34.61
N GLY A 66 8.99 -5.36 -35.07
CA GLY A 66 7.56 -5.01 -35.27
C GLY A 66 6.71 -5.70 -34.15
N THR A 67 5.38 -5.60 -34.32
CA THR A 67 4.36 -6.05 -33.31
C THR A 67 3.44 -7.10 -33.95
N GLY A 68 3.87 -7.72 -35.05
CA GLY A 68 3.13 -8.85 -35.67
C GLY A 68 1.70 -8.47 -36.03
N GLY A 69 1.48 -7.24 -36.53
CA GLY A 69 0.15 -6.74 -36.95
C GLY A 69 -0.77 -6.36 -35.79
N LEU A 70 -0.28 -6.36 -34.55
CA LEU A 70 -1.10 -5.95 -33.37
C LEU A 70 -0.93 -4.44 -33.09
N GLY A 71 -2.00 -3.81 -32.62
CA GLY A 71 -2.00 -2.40 -32.14
C GLY A 71 -1.35 -2.29 -30.77
N PHE A 72 -0.26 -1.53 -30.70
CA PHE A 72 0.47 -1.25 -29.44
C PHE A 72 -0.33 -0.23 -28.60
N ILE A 73 -0.41 -0.54 -27.30
CA ILE A 73 -1.04 0.31 -26.24
C ILE A 73 0.09 0.77 -25.31
N GLY A 74 0.38 2.07 -25.38
CA GLY A 74 1.45 2.68 -24.58
C GLY A 74 1.03 2.54 -23.15
N MET A 75 1.98 2.46 -22.23
CA MET A 75 1.56 2.41 -20.82
C MET A 75 2.53 3.20 -19.97
N GLN A 76 1.99 4.17 -19.24
CA GLN A 76 2.76 4.94 -18.24
C GLN A 76 2.51 4.23 -16.91
N GLY A 77 3.30 3.17 -16.64
CA GLY A 77 3.00 2.21 -15.57
C GLY A 77 3.55 2.67 -14.26
N THR A 78 4.45 3.66 -14.28
CA THR A 78 4.90 4.36 -13.05
C THR A 78 4.76 5.86 -13.31
N MET A 79 4.86 6.64 -12.25
CA MET A 79 4.64 8.11 -12.36
CA MET A 79 4.64 8.11 -12.33
CA MET A 79 4.66 8.12 -12.30
C MET A 79 5.73 8.74 -13.23
N ASP A 80 6.90 8.15 -13.25
CA ASP A 80 8.02 8.64 -14.09
C ASP A 80 9.14 7.64 -13.91
N SER A 81 9.81 7.28 -15.01
CA SER A 81 10.93 6.32 -14.93
C SER A 81 11.93 6.66 -16.03
N ASP A 82 13.12 6.08 -15.95
CA ASP A 82 14.14 6.23 -17.03
C ASP A 82 13.63 5.58 -18.32
N SER A 83 12.94 4.43 -18.21
CA SER A 83 12.43 3.65 -19.37
C SER A 83 11.22 4.37 -20.00
N SER A 84 10.36 4.95 -19.16
CA SER A 84 9.09 5.64 -19.54
C SER A 84 9.03 7.03 -18.89
N PRO A 85 9.83 8.02 -19.35
CA PRO A 85 9.82 9.36 -18.80
C PRO A 85 8.46 10.06 -19.06
N VAL A 86 7.78 10.47 -17.98
CA VAL A 86 6.40 11.01 -18.13
C VAL A 86 6.48 12.30 -18.98
N ALA A 87 7.64 12.97 -19.00
CA ALA A 87 7.86 14.20 -19.81
C ALA A 87 7.72 13.83 -21.30
N GLN A 88 7.94 12.56 -21.65
CA GLN A 88 7.84 12.09 -23.06
C GLN A 88 6.56 11.30 -23.34
N LEU A 89 5.60 11.19 -22.41
CA LEU A 89 4.39 10.39 -22.64
C LEU A 89 3.59 10.92 -23.84
N ALA A 90 3.33 12.24 -23.87
CA ALA A 90 2.54 12.89 -24.96
C ALA A 90 3.30 12.81 -26.29
N THR A 91 4.63 12.96 -26.28
CA THR A 91 5.41 12.95 -27.55
C THR A 91 5.49 11.51 -28.07
N ARG A 92 5.68 10.53 -27.17
CA ARG A 92 5.69 9.09 -27.58
C ARG A 92 4.33 8.73 -28.17
N GLN A 93 3.24 9.18 -27.53
CA GLN A 93 1.87 8.83 -27.99
C GLN A 93 1.72 9.35 -29.41
N ALA A 94 2.03 10.62 -29.63
CA ALA A 94 1.87 11.28 -30.96
C ALA A 94 2.79 10.58 -31.97
N GLN A 95 4.05 10.36 -31.59
CA GLN A 95 5.08 9.77 -32.52
C GLN A 95 4.67 8.33 -32.89
N GLN A 96 4.15 7.53 -31.94
CA GLN A 96 3.86 6.09 -32.20
C GLN A 96 2.40 5.88 -32.69
N GLY A 97 1.50 6.86 -32.53
CA GLY A 97 0.12 6.78 -33.02
C GLY A 97 -0.77 5.84 -32.18
N TRP A 98 -0.55 5.71 -30.87
CA TRP A 98 -1.43 4.83 -30.03
C TRP A 98 -2.88 5.32 -30.13
N ALA A 99 -3.83 4.39 -30.13
CA ALA A 99 -5.29 4.65 -30.04
C ALA A 99 -5.78 4.57 -28.57
N THR A 100 -5.01 3.86 -27.74
CA THR A 100 -5.32 3.62 -26.30
C THR A 100 -4.06 3.82 -25.48
N VAL A 101 -4.20 4.21 -24.22
CA VAL A 101 -3.05 4.34 -23.30
C VAL A 101 -3.52 3.74 -21.98
N PHE A 102 -2.63 3.03 -21.31
CA PHE A 102 -2.84 2.53 -19.94
C PHE A 102 -2.01 3.39 -18.99
N SER A 103 -2.45 3.48 -17.73
CA SER A 103 -1.77 4.26 -16.69
C SER A 103 -1.12 3.35 -15.66
N LEU A 104 -1.11 3.75 -14.39
CA LEU A 104 -0.17 3.20 -13.37
C LEU A 104 -0.49 1.72 -13.11
N ASN A 105 0.58 0.93 -12.92
CA ASN A 105 0.48 -0.53 -12.66
C ASN A 105 0.37 -0.77 -11.16
N GLU A 106 -0.80 -1.27 -10.73
CA GLU A 106 -0.98 -1.72 -9.33
C GLU A 106 -0.54 -0.66 -8.35
N PRO A 107 -1.05 0.59 -8.45
CA PRO A 107 -0.71 1.62 -7.47
C PRO A 107 -1.17 1.27 -6.05
N ASP A 108 -2.21 0.44 -5.96
CA ASP A 108 -2.85 0.02 -4.68
C ASP A 108 -1.90 -0.79 -3.79
N ILE A 109 -0.85 -1.35 -4.35
CA ILE A 109 0.17 -2.09 -3.53
C ILE A 109 1.54 -1.43 -3.73
N ASN A 110 1.65 -0.38 -4.54
CA ASN A 110 2.96 0.27 -4.86
C ASN A 110 3.07 1.63 -4.14
N GLY A 111 2.32 1.87 -3.05
CA GLY A 111 2.54 3.04 -2.20
C GLY A 111 1.90 4.33 -2.74
N ILE A 112 1.01 4.25 -3.73
CA ILE A 112 0.43 5.48 -4.32
C ILE A 112 -0.98 5.65 -3.75
N THR A 113 -1.27 6.74 -3.06
CA THR A 113 -2.62 6.97 -2.50
C THR A 113 -3.57 7.27 -3.67
N PRO A 114 -4.88 7.00 -3.49
CA PRO A 114 -5.86 7.38 -4.51
C PRO A 114 -5.77 8.88 -4.89
N ALA A 115 -5.60 9.76 -3.93
CA ALA A 115 -5.52 11.23 -4.13
C ALA A 115 -4.29 11.52 -5.00
N GLU A 116 -3.17 10.84 -4.71
CA GLU A 116 -1.92 11.04 -5.46
C GLU A 116 -2.13 10.59 -6.88
N ALA A 117 -2.71 9.41 -7.08
CA ALA A 117 -2.94 8.88 -8.44
C ALA A 117 -3.87 9.81 -9.22
N ALA A 118 -4.94 10.29 -8.59
CA ALA A 118 -5.93 11.16 -9.26
C ALA A 118 -5.23 12.45 -9.75
N SER A 119 -4.44 13.08 -8.89
CA SER A 119 -3.70 14.34 -9.21
CA SER A 119 -3.68 14.34 -9.20
C SER A 119 -2.74 14.10 -10.39
N TRP A 120 -1.93 13.06 -10.30
CA TRP A 120 -0.96 12.67 -11.36
C TRP A 120 -1.70 12.33 -12.68
N TYR A 121 -2.78 11.57 -12.61
CA TYR A 121 -3.52 11.15 -13.80
C TYR A 121 -4.08 12.40 -14.50
N ILE A 122 -4.67 13.32 -13.74
CA ILE A 122 -5.22 14.59 -14.31
C ILE A 122 -4.10 15.41 -14.97
N GLU A 123 -2.91 15.48 -14.37
CA GLU A 123 -1.77 16.27 -14.90
CA GLU A 123 -1.78 16.28 -14.91
C GLU A 123 -1.23 15.67 -16.21
N TRP A 124 -1.09 14.34 -16.25
CA TRP A 124 -0.24 13.67 -17.28
C TRP A 124 -1.03 12.80 -18.22
N VAL A 125 -2.10 12.14 -17.79
CA VAL A 125 -2.81 11.17 -18.68
C VAL A 125 -4.02 11.84 -19.33
N ASN A 126 -4.78 12.65 -18.58
CA ASN A 126 -5.94 13.44 -19.08
C ASN A 126 -5.64 14.06 -20.46
N PRO A 127 -4.48 14.71 -20.66
CA PRO A 127 -4.24 15.44 -21.91
C PRO A 127 -4.15 14.59 -23.16
N LEU A 128 -3.88 13.28 -23.04
CA LEU A 128 -3.86 12.39 -24.22
C LEU A 128 -5.30 12.23 -24.70
N ALA A 129 -5.65 12.82 -25.85
CA ALA A 129 -7.04 12.84 -26.38
C ALA A 129 -7.29 11.53 -27.13
N ILE A 130 -7.00 10.40 -26.49
CA ILE A 130 -7.29 9.05 -27.04
C ILE A 130 -8.04 8.26 -25.96
N LYS A 131 -8.28 6.97 -26.21
CA LYS A 131 -8.93 6.07 -25.20
C LYS A 131 -7.95 5.88 -24.04
N LYS A 132 -8.45 5.96 -22.83
CA LYS A 132 -7.56 5.94 -21.65
C LYS A 132 -8.13 4.98 -20.60
N ALA A 133 -7.28 4.25 -19.89
CA ALA A 133 -7.73 3.39 -18.77
C ALA A 133 -7.16 3.94 -17.47
N LEU A 134 -8.00 3.97 -16.46
CA LEU A 134 -7.56 4.23 -15.09
C LEU A 134 -6.60 3.13 -14.67
N PRO A 135 -5.80 3.40 -13.64
CA PRO A 135 -4.76 2.46 -13.24
C PRO A 135 -5.24 1.02 -13.00
N ALA A 136 -4.42 0.05 -13.41
CA ALA A 136 -4.66 -1.39 -13.19
C ALA A 136 -4.54 -1.68 -11.68
N VAL A 137 -5.62 -2.14 -11.07
CA VAL A 137 -5.61 -2.45 -9.62
C VAL A 137 -5.54 -3.96 -9.45
N THR A 138 -4.98 -4.41 -8.35
CA THR A 138 -4.93 -5.85 -8.00
C THR A 138 -6.32 -6.34 -7.63
N SER A 139 -6.45 -7.65 -7.49
CA SER A 139 -7.69 -8.27 -6.96
C SER A 139 -7.72 -8.35 -5.44
N SER A 140 -6.87 -7.61 -4.73
CA SER A 140 -6.92 -7.59 -3.25
C SER A 140 -8.31 -7.24 -2.75
N THR A 141 -8.78 -7.95 -1.72
CA THR A 141 -10.04 -7.65 -1.00
C THR A 141 -9.77 -6.72 0.18
N THR A 142 -8.51 -6.40 0.46
CA THR A 142 -8.18 -5.51 1.61
C THR A 142 -8.76 -4.10 1.41
N SER A 143 -9.45 -3.58 2.41
CA SER A 143 -9.96 -2.20 2.42
C SER A 143 -8.82 -1.23 2.02
N GLY A 144 -9.04 -0.40 0.99
CA GLY A 144 -8.05 0.58 0.52
C GLY A 144 -7.09 -0.02 -0.49
N GLN A 145 -7.30 -1.27 -0.91
CA GLN A 145 -6.58 -1.87 -2.05
C GLN A 145 -7.62 -2.28 -3.09
N GLY A 146 -7.16 -2.74 -4.26
CA GLY A 146 -8.04 -3.38 -5.23
C GLY A 146 -9.18 -2.48 -5.62
N LEU A 147 -10.39 -3.03 -5.76
CA LEU A 147 -11.58 -2.23 -6.16
C LEU A 147 -11.90 -1.10 -5.15
N SER A 148 -11.59 -1.25 -3.86
CA SER A 148 -11.77 -0.23 -2.79
CA SER A 148 -11.90 -0.16 -2.90
C SER A 148 -10.91 0.99 -3.12
N TRP A 149 -9.63 0.71 -3.38
CA TRP A 149 -8.66 1.75 -3.83
C TRP A 149 -9.22 2.45 -5.08
N LEU A 150 -9.71 1.68 -6.04
CA LEU A 150 -10.22 2.24 -7.30
C LEU A 150 -11.37 3.18 -6.99
N SER A 151 -12.30 2.79 -6.11
CA SER A 151 -13.43 3.67 -5.76
C SER A 151 -12.88 4.97 -5.16
N GLU A 152 -11.89 4.86 -4.29
CA GLU A 152 -11.29 6.03 -3.62
C GLU A 152 -10.67 6.93 -4.68
N MET A 153 -10.07 6.38 -5.71
CA MET A 153 -9.44 7.22 -6.74
C MET A 153 -10.55 7.95 -7.53
N ILE A 154 -11.62 7.24 -7.87
CA ILE A 154 -12.76 7.88 -8.60
C ILE A 154 -13.33 9.00 -7.71
N SER A 155 -13.43 8.80 -6.39
CA SER A 155 -13.82 9.88 -5.47
C SER A 155 -12.82 11.03 -5.53
N ALA A 156 -11.51 10.76 -5.41
CA ALA A 156 -10.49 11.82 -5.44
C ALA A 156 -10.53 12.59 -6.77
N CYS A 157 -10.77 11.89 -7.86
CA CYS A 157 -10.85 12.47 -9.20
C CYS A 157 -11.90 13.61 -9.21
N ALA A 158 -12.93 13.48 -8.40
CA ALA A 158 -13.98 14.52 -8.22
C ALA A 158 -14.60 14.91 -9.59
N GLY A 159 -14.73 13.97 -10.51
CA GLY A 159 -15.35 14.17 -11.84
C GLY A 159 -14.39 14.77 -12.86
N ALA A 160 -13.11 14.99 -12.48
CA ALA A 160 -12.13 15.72 -13.31
C ALA A 160 -11.18 14.76 -14.03
N CYS A 161 -11.25 13.45 -13.79
CA CYS A 161 -10.48 12.47 -14.58
C CYS A 161 -11.25 12.17 -15.87
N TYR A 162 -10.54 12.10 -16.99
CA TYR A 162 -11.08 11.62 -18.28
C TYR A 162 -10.57 10.20 -18.50
N PHE A 163 -11.49 9.24 -18.61
CA PHE A 163 -11.15 7.82 -18.83
C PHE A 163 -12.27 7.11 -19.54
N ASP A 164 -11.91 6.06 -20.27
CA ASP A 164 -12.86 5.17 -20.96
C ASP A 164 -13.00 3.85 -20.20
N TYR A 165 -11.97 3.40 -19.50
CA TYR A 165 -11.91 2.01 -18.98
C TYR A 165 -11.44 2.03 -17.53
N ILE A 166 -11.90 1.07 -16.74
CA ILE A 166 -11.21 0.57 -15.51
C ILE A 166 -10.45 -0.69 -15.92
N ASN A 167 -9.34 -0.91 -15.25
CA ASN A 167 -8.29 -1.86 -15.66
C ASN A 167 -8.08 -2.77 -14.45
N LEU A 168 -8.39 -4.06 -14.60
CA LEU A 168 -8.30 -5.06 -13.51
C LEU A 168 -7.15 -6.02 -13.78
N HIS A 169 -6.48 -6.40 -12.71
CA HIS A 169 -5.66 -7.61 -12.62
C HIS A 169 -6.45 -8.67 -11.81
N TRP A 170 -6.23 -9.94 -12.09
CA TRP A 170 -6.80 -11.02 -11.25
C TRP A 170 -5.87 -12.21 -11.26
N TYR A 171 -5.54 -12.68 -10.07
CA TYR A 171 -4.85 -13.99 -9.88
C TYR A 171 -5.56 -14.74 -8.75
N GLY A 172 -5.88 -16.00 -8.97
CA GLY A 172 -6.65 -16.77 -7.96
C GLY A 172 -6.64 -18.23 -8.34
N THR A 173 -7.58 -19.01 -7.82
CA THR A 173 -7.42 -20.48 -7.85
C THR A 173 -8.50 -21.16 -8.69
N SER A 174 -9.52 -20.47 -9.18
CA SER A 174 -10.53 -21.15 -10.03
C SER A 174 -11.20 -20.18 -10.99
N PHE A 175 -11.75 -20.74 -12.06
CA PHE A 175 -12.62 -20.00 -12.98
C PHE A 175 -13.82 -19.43 -12.22
N ALA A 176 -14.47 -20.21 -11.36
CA ALA A 176 -15.64 -19.71 -10.61
C ALA A 176 -15.28 -18.40 -9.89
N GLU A 177 -14.18 -18.40 -9.16
CA GLU A 177 -13.69 -17.23 -8.40
C GLU A 177 -13.48 -16.05 -9.39
N PHE A 178 -12.82 -16.28 -10.52
CA PHE A 178 -12.57 -15.23 -11.54
C PHE A 178 -13.90 -14.62 -11.99
N GLN A 179 -14.84 -15.49 -12.34
CA GLN A 179 -16.17 -15.08 -12.86
C GLN A 179 -16.87 -14.21 -11.80
N ALA A 180 -16.86 -14.64 -10.54
CA ALA A 180 -17.49 -13.88 -9.45
C ALA A 180 -16.80 -12.52 -9.29
N TYR A 181 -15.48 -12.49 -9.38
CA TYR A 181 -14.72 -11.22 -9.27
C TYR A 181 -15.12 -10.25 -10.40
N ILE A 182 -15.19 -10.70 -11.65
CA ILE A 182 -15.55 -9.79 -12.78
C ILE A 182 -16.98 -9.31 -12.55
N GLU A 183 -17.86 -10.21 -12.08
CA GLU A 183 -19.28 -9.86 -11.82
C GLU A 183 -19.31 -8.82 -10.70
N GLN A 184 -18.47 -8.99 -9.70
CA GLN A 184 -18.43 -8.09 -8.54
C GLN A 184 -17.96 -6.69 -9.01
N ALA A 185 -16.91 -6.63 -9.84
CA ALA A 185 -16.40 -5.35 -10.37
C ALA A 185 -17.52 -4.67 -11.17
N HIS A 186 -18.21 -5.44 -12.03
CA HIS A 186 -19.35 -4.92 -12.82
C HIS A 186 -20.48 -4.40 -11.91
N ASN A 187 -20.79 -5.11 -10.81
CA ASN A 187 -21.89 -4.68 -9.89
CA ASN A 187 -21.86 -4.69 -9.86
C ASN A 187 -21.48 -3.41 -9.14
N GLN A 188 -20.20 -3.26 -8.81
CA GLN A 188 -19.70 -2.05 -8.13
C GLN A 188 -19.62 -0.87 -9.13
N PHE A 189 -19.30 -1.14 -10.40
CA PHE A 189 -19.10 -0.08 -11.42
C PHE A 189 -19.98 -0.33 -12.63
N PRO A 190 -21.31 -0.30 -12.50
CA PRO A 190 -22.19 -0.79 -13.57
C PRO A 190 -22.11 -0.04 -14.92
N SER A 191 -21.71 1.23 -14.92
N SER A 191 -21.72 1.24 -14.93
CA SER A 191 -21.61 2.09 -16.15
CA SER A 191 -21.65 2.07 -16.17
C SER A 191 -20.32 1.81 -16.91
C SER A 191 -20.26 2.01 -16.82
N TYR A 192 -19.31 1.27 -16.23
CA TYR A 192 -17.92 1.28 -16.75
C TYR A 192 -17.64 0.10 -17.67
N THR A 193 -16.67 0.30 -18.56
CA THR A 193 -16.09 -0.70 -19.47
C THR A 193 -14.77 -1.16 -18.88
N ILE A 194 -14.55 -2.46 -18.89
CA ILE A 194 -13.40 -3.11 -18.23
C ILE A 194 -12.38 -3.57 -19.27
N VAL A 195 -11.11 -3.36 -18.94
N VAL A 195 -11.10 -3.34 -19.01
CA VAL A 195 -9.93 -4.00 -19.58
CA VAL A 195 -10.02 -4.14 -19.66
C VAL A 195 -9.27 -4.88 -18.50
C VAL A 195 -9.29 -4.88 -18.53
N ILE A 196 -8.89 -6.13 -18.86
CA ILE A 196 -8.16 -7.03 -17.92
C ILE A 196 -6.74 -7.14 -18.43
N SER A 197 -5.79 -6.41 -17.84
CA SER A 197 -4.43 -6.29 -18.44
C SER A 197 -3.51 -7.42 -17.95
N GLU A 198 -3.92 -8.11 -16.88
CA GLU A 198 -3.19 -9.31 -16.38
C GLU A 198 -4.20 -10.25 -15.73
N PHE A 199 -4.16 -11.53 -16.10
CA PHE A 199 -4.91 -12.56 -15.33
C PHE A 199 -4.35 -13.96 -15.62
N ALA A 200 -4.34 -14.78 -14.58
CA ALA A 200 -3.97 -16.23 -14.63
C ALA A 200 -4.31 -16.87 -13.29
N LEU A 201 -4.23 -18.21 -13.19
CA LEU A 201 -4.31 -18.89 -11.89
C LEU A 201 -3.00 -18.62 -11.18
N THR A 202 -2.99 -18.73 -9.84
CA THR A 202 -1.74 -18.89 -9.05
C THR A 202 -1.15 -20.29 -9.33
N ASN A 203 0.11 -20.48 -8.95
CA ASN A 203 0.93 -21.72 -9.18
C ASN A 203 0.15 -22.96 -8.72
N GLY A 204 0.16 -24.01 -9.53
CA GLY A 204 -0.36 -25.35 -9.17
C GLY A 204 -1.72 -25.66 -9.81
N GLY A 205 -2.34 -24.69 -10.46
CA GLY A 205 -3.64 -24.94 -11.07
C GLY A 205 -3.51 -25.37 -12.51
N ASN A 206 -4.62 -25.71 -13.10
CA ASN A 206 -4.70 -26.09 -14.53
C ASN A 206 -4.97 -24.83 -15.35
N GLN A 207 -3.90 -24.20 -15.83
CA GLN A 207 -3.97 -22.88 -16.51
C GLN A 207 -4.78 -23.08 -17.78
N VAL A 208 -4.54 -24.17 -18.51
CA VAL A 208 -5.23 -24.33 -19.83
C VAL A 208 -6.73 -24.36 -19.61
N ALA A 209 -7.22 -25.13 -18.65
CA ALA A 209 -8.67 -25.28 -18.41
C ALA A 209 -9.25 -23.93 -17.98
N PHE A 210 -8.53 -23.20 -17.14
CA PHE A 210 -8.98 -21.85 -16.69
C PHE A 210 -9.19 -20.93 -17.91
N PHE A 211 -8.20 -20.80 -18.79
CA PHE A 211 -8.30 -19.85 -19.93
C PHE A 211 -9.37 -20.37 -20.89
N GLU A 212 -9.49 -21.70 -21.02
CA GLU A 212 -10.50 -22.31 -21.92
C GLU A 212 -11.91 -21.88 -21.52
N SER A 213 -12.20 -21.82 -20.22
CA SER A 213 -13.49 -21.32 -19.66
C SER A 213 -13.52 -19.77 -19.71
N ALA A 214 -12.45 -19.11 -19.38
CA ALA A 214 -12.44 -17.64 -19.27
C ALA A 214 -12.65 -16.98 -20.64
N PHE A 215 -12.06 -17.45 -21.73
CA PHE A 215 -12.13 -16.71 -23.01
C PHE A 215 -13.57 -16.59 -23.47
N PRO A 216 -14.39 -17.65 -23.61
CA PRO A 216 -15.80 -17.49 -23.99
C PRO A 216 -16.62 -16.68 -22.98
N PHE A 217 -16.34 -16.79 -21.69
CA PHE A 217 -17.03 -15.99 -20.64
C PHE A 217 -16.78 -14.48 -20.90
N LEU A 218 -15.52 -14.08 -21.06
CA LEU A 218 -15.14 -12.67 -21.30
C LEU A 218 -15.64 -12.23 -22.70
N ASP A 219 -15.53 -13.09 -23.71
CA ASP A 219 -15.97 -12.76 -25.09
C ASP A 219 -17.47 -12.46 -25.07
N GLY A 220 -18.24 -13.09 -24.17
CA GLY A 220 -19.69 -12.92 -23.98
C GLY A 220 -20.10 -11.68 -23.20
N LEU A 221 -19.19 -11.03 -22.44
CA LEU A 221 -19.58 -9.86 -21.62
C LEU A 221 -19.48 -8.58 -22.44
N SER A 222 -20.58 -7.88 -22.64
CA SER A 222 -20.57 -6.64 -23.48
C SER A 222 -19.69 -5.58 -22.83
N TYR A 223 -19.45 -5.60 -21.52
CA TYR A 223 -18.73 -4.49 -20.83
C TYR A 223 -17.23 -4.81 -20.69
N VAL A 224 -16.74 -5.91 -21.27
CA VAL A 224 -15.29 -6.25 -21.32
C VAL A 224 -14.82 -6.00 -22.73
N LEU A 225 -13.84 -5.11 -22.91
CA LEU A 225 -13.32 -4.74 -24.24
C LEU A 225 -12.07 -5.56 -24.58
N LEU A 226 -11.12 -5.69 -23.67
CA LEU A 226 -9.80 -6.35 -23.93
C LEU A 226 -9.48 -7.25 -22.75
N TYR A 227 -8.82 -8.37 -23.02
CA TYR A 227 -8.14 -9.13 -21.94
C TYR A 227 -6.81 -9.64 -22.44
N PHE A 228 -5.88 -9.69 -21.49
CA PHE A 228 -4.46 -10.02 -21.70
C PHE A 228 -4.09 -11.06 -20.65
N PRO A 229 -3.93 -12.35 -21.04
CA PRO A 229 -3.40 -13.34 -20.12
C PRO A 229 -2.02 -12.95 -19.67
N PHE A 230 -1.75 -13.11 -18.38
CA PHE A 230 -0.35 -13.11 -17.92
C PHE A 230 0.14 -14.52 -18.25
N VAL A 231 1.03 -14.71 -19.28
CA VAL A 231 1.94 -13.72 -19.86
C VAL A 231 2.35 -14.18 -21.27
N ALA A 232 2.58 -13.26 -22.19
CA ALA A 232 3.00 -13.60 -23.59
C ALA A 232 4.52 -13.72 -23.62
N THR A 233 5.06 -14.70 -22.87
CA THR A 233 6.50 -15.05 -22.96
C THR A 233 6.66 -16.58 -22.87
N SER A 234 7.90 -17.06 -22.83
CA SER A 234 8.24 -18.48 -22.58
C SER A 234 8.64 -18.66 -21.09
N PRO A 235 8.50 -19.95 -20.65
CA PRO A 235 8.94 -20.37 -19.30
C PRO A 235 10.41 -20.00 -19.06
N ALA A 236 11.31 -20.19 -20.07
CA ALA A 236 12.75 -19.91 -19.87
C ALA A 236 12.98 -18.38 -19.62
N LEU A 237 12.26 -17.54 -20.43
CA LEU A 237 12.42 -16.07 -20.31
C LEU A 237 11.79 -15.59 -18.99
N LEU A 238 10.64 -16.16 -18.62
CA LEU A 238 9.95 -15.79 -17.37
C LEU A 238 10.84 -16.18 -16.17
N GLN A 239 11.46 -17.38 -16.21
CA GLN A 239 12.32 -17.87 -15.10
C GLN A 239 13.56 -16.96 -14.98
N ALA A 240 14.18 -16.58 -16.10
CA ALA A 240 15.45 -15.81 -16.08
C ALA A 240 15.18 -14.35 -15.69
N ASN A 241 14.02 -13.80 -16.06
CA ASN A 241 13.83 -12.33 -15.98
C ASN A 241 12.81 -11.94 -14.90
N ASP A 242 11.92 -12.85 -14.46
CA ASP A 242 10.82 -12.54 -13.50
C ASP A 242 10.63 -13.71 -12.51
N PRO A 243 11.67 -14.06 -11.71
CA PRO A 243 11.62 -15.23 -10.83
C PRO A 243 10.47 -15.10 -9.82
N GLY A 244 10.06 -13.86 -9.50
CA GLY A 244 8.94 -13.56 -8.60
C GLY A 244 7.62 -14.03 -9.16
N ALA A 245 7.34 -13.79 -10.46
CA ALA A 245 6.12 -14.28 -11.16
C ALA A 245 6.11 -15.82 -11.21
N VAL A 246 7.25 -16.46 -11.44
CA VAL A 246 7.33 -17.94 -11.45
C VAL A 246 6.89 -18.48 -10.08
N THR A 247 7.38 -17.85 -9.00
CA THR A 247 6.98 -18.24 -7.62
C THR A 247 5.45 -18.19 -7.49
N THR A 248 4.81 -17.10 -7.93
N THR A 248 4.82 -17.08 -7.89
CA THR A 248 3.39 -16.82 -7.61
CA THR A 248 3.39 -16.81 -7.63
C THR A 248 2.45 -17.46 -8.65
C THR A 248 2.49 -17.54 -8.64
N VAL A 249 2.82 -17.47 -9.93
CA VAL A 249 1.97 -17.96 -11.05
C VAL A 249 2.44 -19.33 -11.55
N GLY A 250 3.75 -19.61 -11.50
CA GLY A 250 4.38 -20.73 -12.24
C GLY A 250 4.61 -20.36 -13.70
N THR A 251 4.89 -21.36 -14.55
CA THR A 251 5.16 -21.16 -15.99
C THR A 251 4.02 -21.69 -16.87
N GLY A 252 2.91 -22.19 -16.25
CA GLY A 252 1.77 -22.83 -16.98
C GLY A 252 0.93 -21.88 -17.82
N SER A 253 1.01 -20.50 -17.52
CA SER A 253 0.23 -19.50 -18.29
C SER A 253 1.09 -18.86 -19.38
N CYS A 254 2.35 -19.25 -19.55
CA CYS A 254 3.17 -18.64 -20.64
C CYS A 254 2.53 -19.02 -21.96
N LEU A 255 2.36 -18.04 -22.86
CA LEU A 255 1.69 -18.26 -24.17
C LEU A 255 2.69 -18.88 -25.16
N TYR A 256 3.99 -18.85 -24.86
CA TYR A 256 5.04 -19.45 -25.73
C TYR A 256 5.68 -20.66 -25.02
N THR A 257 6.16 -21.58 -25.90
CA THR A 257 7.10 -22.66 -25.52
C THR A 257 8.56 -22.02 -25.55
N ASN A 258 9.51 -22.75 -24.91
CA ASN A 258 10.97 -22.38 -24.96
C ASN A 258 11.38 -22.35 -26.44
N ALA A 259 10.72 -23.15 -27.28
CA ALA A 259 11.06 -23.22 -28.74
C ALA A 259 10.51 -21.96 -29.48
N GLY A 260 9.70 -21.10 -28.79
CA GLY A 260 9.18 -19.83 -29.37
C GLY A 260 7.85 -20.02 -30.10
N GLY A 261 7.27 -21.21 -30.05
CA GLY A 261 5.96 -21.57 -30.64
C GLY A 261 4.86 -21.25 -29.57
N PRO A 262 3.56 -21.32 -30.03
CA PRO A 262 2.39 -21.27 -29.13
C PRO A 262 2.41 -22.45 -28.15
N SER A 263 2.23 -22.17 -26.86
CA SER A 263 2.04 -23.20 -25.81
C SER A 263 0.58 -23.69 -25.89
N SER A 264 0.20 -24.61 -25.00
CA SER A 264 -1.21 -25.09 -24.87
C SER A 264 -2.12 -23.86 -24.63
N VAL A 265 -1.63 -22.92 -23.83
CA VAL A 265 -2.42 -21.66 -23.57
C VAL A 265 -2.35 -20.77 -24.83
N GLY A 266 -1.18 -20.59 -25.43
CA GLY A 266 -1.04 -19.78 -26.66
C GLY A 266 -2.05 -20.23 -27.71
N ASN A 267 -2.27 -21.55 -27.82
CA ASN A 267 -3.14 -22.14 -28.87
C ASN A 267 -4.57 -21.67 -28.69
N LEU A 268 -4.98 -21.36 -27.46
CA LEU A 268 -6.33 -20.81 -27.19
C LEU A 268 -6.49 -19.39 -27.73
N MET A 269 -5.40 -18.66 -27.92
CA MET A 269 -5.47 -17.22 -28.31
C MET A 269 -6.06 -17.13 -29.73
N TYR A 270 -5.83 -18.13 -30.60
CA TYR A 270 -6.25 -18.08 -32.04
C TYR A 270 -7.77 -18.13 -32.14
N GLY B 24 10.69 4.21 4.15
CA GLY B 24 10.16 3.16 5.03
C GLY B 24 9.18 3.73 6.01
N LYS B 25 8.49 2.85 6.71
CA LYS B 25 7.36 3.21 7.60
C LYS B 25 7.70 2.91 9.05
N ARG B 26 8.81 2.25 9.33
CA ARG B 26 9.01 1.67 10.69
C ARG B 26 9.59 2.68 11.64
N GLY B 27 9.16 2.60 12.90
CA GLY B 27 9.70 3.44 13.95
C GLY B 27 9.86 2.78 15.31
N LEU B 28 10.71 3.41 16.14
CA LEU B 28 11.00 2.96 17.49
C LEU B 28 10.16 3.71 18.50
N ALA B 29 9.43 2.95 19.28
CA ALA B 29 8.68 3.40 20.44
C ALA B 29 9.65 3.23 21.59
N TRP B 30 10.27 4.35 21.96
CA TRP B 30 11.55 4.41 22.73
C TRP B 30 11.26 4.92 24.13
N PRO B 31 11.23 4.09 25.17
CA PRO B 31 10.88 4.56 26.51
C PRO B 31 11.94 5.46 27.15
N TRP B 32 11.44 6.26 28.09
CA TRP B 32 12.24 7.24 28.88
C TRP B 32 13.44 6.55 29.55
N TYR B 33 13.31 5.27 29.87
CA TYR B 33 14.34 4.52 30.64
C TYR B 33 15.43 3.91 29.76
N ASN B 34 15.48 4.25 28.49
CA ASN B 34 16.38 3.56 27.54
C ASN B 34 17.79 4.19 27.44
N SER B 35 18.29 4.93 28.43
CA SER B 35 19.68 5.46 28.39
C SER B 35 20.71 4.40 28.03
N PRO B 36 20.60 3.11 28.48
CA PRO B 36 21.60 2.09 28.11
C PRO B 36 21.67 1.70 26.65
N LEU B 37 20.59 1.93 25.90
CA LEU B 37 20.44 1.36 24.56
C LEU B 37 20.70 2.38 23.47
N ASP B 38 21.04 1.86 22.30
CA ASP B 38 21.41 2.67 21.13
C ASP B 38 20.37 2.48 20.01
N PRO B 39 19.62 3.52 19.60
CA PRO B 39 18.63 3.40 18.52
C PRO B 39 19.29 3.07 17.17
N GLY B 40 20.57 3.45 17.04
CA GLY B 40 21.34 3.15 15.81
C GLY B 40 21.46 1.64 15.54
N VAL B 41 21.34 0.79 16.56
CA VAL B 41 21.42 -0.69 16.37
C VAL B 41 20.34 -1.12 15.36
N LEU B 42 19.17 -0.50 15.38
CA LEU B 42 18.04 -0.89 14.52
C LEU B 42 17.97 -0.04 13.25
N ASN B 43 19.02 0.71 12.92
CA ASN B 43 19.10 1.50 11.68
C ASN B 43 20.33 1.01 10.90
N ASN B 44 20.12 0.15 9.91
CA ASN B 44 21.23 -0.50 9.13
C ASN B 44 21.49 0.24 7.81
N GLY B 45 20.95 1.43 7.60
CA GLY B 45 21.22 2.19 6.37
C GLY B 45 20.29 1.87 5.20
N ASP B 46 19.49 0.78 5.26
CA ASP B 46 18.62 0.37 4.12
C ASP B 46 17.32 1.19 4.10
N GLY B 47 17.00 1.94 5.15
CA GLY B 47 15.91 2.93 5.13
C GLY B 47 14.53 2.41 5.55
N GLU B 48 14.38 1.20 6.13
CA GLU B 48 13.04 0.74 6.58
C GLU B 48 12.62 1.46 7.85
N VAL B 49 13.58 1.76 8.71
CA VAL B 49 13.30 2.36 10.03
C VAL B 49 13.64 3.85 9.89
N VAL B 50 12.64 4.70 10.11
CA VAL B 50 12.80 6.15 9.79
C VAL B 50 12.52 7.06 10.99
N ALA B 51 11.88 6.57 12.05
CA ALA B 51 11.31 7.45 13.07
C ALA B 51 11.56 6.90 14.48
N ILE B 52 11.47 7.82 15.43
CA ILE B 52 11.54 7.50 16.87
C ILE B 52 10.66 8.48 17.60
N TYR B 53 9.92 8.00 18.62
CA TYR B 53 9.19 8.84 19.58
C TYR B 53 9.41 8.25 20.96
N ASP B 54 9.23 9.05 22.01
CA ASP B 54 9.53 8.62 23.39
C ASP B 54 8.42 8.99 24.36
N TRP B 55 7.22 9.24 23.81
CA TRP B 55 6.00 9.64 24.58
C TRP B 55 6.14 11.03 25.25
N GLU B 56 7.20 11.78 24.95
CA GLU B 56 7.52 13.08 25.58
C GLU B 56 8.02 14.07 24.52
N THR B 57 8.21 15.31 24.98
CA THR B 57 8.71 16.41 24.13
C THR B 57 10.19 16.67 24.36
N TYR B 58 10.87 15.93 25.21
CA TYR B 58 12.35 15.98 25.27
C TYR B 58 12.94 14.87 24.40
N ALA B 59 14.18 15.06 23.97
CA ALA B 59 14.90 14.14 23.06
C ALA B 59 15.08 12.76 23.70
N PRO B 60 15.09 11.67 22.90
CA PRO B 60 15.21 10.30 23.47
C PRO B 60 16.47 10.11 24.32
N PRO B 61 16.35 9.59 25.55
CA PRO B 61 17.55 9.24 26.32
C PRO B 61 18.14 7.95 25.76
N THR B 62 19.38 8.04 25.31
CA THR B 62 20.06 6.97 24.57
C THR B 62 21.51 6.85 25.05
N SER B 63 22.18 5.80 24.62
CA SER B 63 23.59 5.52 25.05
C SER B 63 24.54 6.52 24.39
N THR B 64 24.21 7.03 23.20
CA THR B 64 25.05 7.97 22.39
C THR B 64 24.68 9.41 22.72
N GLY B 65 23.50 9.68 23.28
CA GLY B 65 22.96 11.04 23.33
C GLY B 65 22.15 11.40 22.09
N GLY B 66 22.27 10.65 20.99
CA GLY B 66 21.62 10.91 19.69
C GLY B 66 20.60 9.84 19.35
N THR B 67 19.98 9.94 18.17
CA THR B 67 18.82 9.08 17.75
C THR B 67 19.24 8.14 16.63
N GLY B 68 20.55 7.90 16.47
CA GLY B 68 21.01 6.88 15.51
C GLY B 68 20.51 7.14 14.10
N GLY B 69 20.40 8.41 13.70
CA GLY B 69 20.02 8.85 12.35
C GLY B 69 18.50 8.81 12.12
N LEU B 70 17.71 8.50 13.14
CA LEU B 70 16.24 8.48 13.06
C LEU B 70 15.65 9.86 13.38
N GLY B 71 14.52 10.17 12.73
CA GLY B 71 13.84 11.45 12.93
C GLY B 71 12.97 11.36 14.16
N PHE B 72 13.21 12.25 15.13
CA PHE B 72 12.44 12.29 16.38
C PHE B 72 11.12 13.01 16.17
N ILE B 73 10.05 12.36 16.64
CA ILE B 73 8.67 12.91 16.65
C ILE B 73 8.38 13.26 18.08
N GLY B 74 8.21 14.58 18.35
CA GLY B 74 7.82 15.02 19.69
C GLY B 74 6.44 14.48 20.03
N MET B 75 6.12 14.36 21.30
CA MET B 75 4.79 13.90 21.71
C MET B 75 4.33 14.58 22.98
N GLN B 76 3.20 15.26 22.88
CA GLN B 76 2.56 15.82 24.09
C GLN B 76 1.52 14.80 24.52
N GLY B 77 1.92 13.84 25.34
CA GLY B 77 1.11 12.64 25.61
C GLY B 77 0.05 12.86 26.66
N THR B 78 0.26 13.84 27.54
CA THR B 78 -0.72 14.29 28.54
C THR B 78 -0.92 15.79 28.35
N MET B 79 -2.00 16.28 28.95
CA MET B 79 -2.39 17.71 28.79
CA MET B 79 -2.41 17.71 28.82
C MET B 79 -1.31 18.62 29.37
N ASP B 80 -0.59 18.13 30.36
CA ASP B 80 0.54 18.87 30.96
C ASP B 80 1.28 17.93 31.91
N SER B 81 2.60 17.96 31.91
CA SER B 81 3.34 17.19 32.93
C SER B 81 4.63 17.92 33.30
N ASP B 82 5.31 17.46 34.35
CA ASP B 82 6.63 18.00 34.79
C ASP B 82 7.67 17.87 33.67
N SER B 83 7.73 16.73 33.00
CA SER B 83 8.84 16.42 32.05
C SER B 83 8.49 16.95 30.66
N SER B 84 7.20 17.06 30.34
CA SER B 84 6.67 17.62 29.07
C SER B 84 5.64 18.70 29.39
N PRO B 85 6.08 19.87 29.89
CA PRO B 85 5.15 20.96 30.19
C PRO B 85 4.56 21.50 28.90
N VAL B 86 3.25 21.58 28.84
CA VAL B 86 2.58 21.96 27.57
C VAL B 86 2.94 23.43 27.24
N ALA B 87 3.23 24.27 28.23
CA ALA B 87 3.71 25.66 27.97
C ALA B 87 5.09 25.66 27.28
N GLN B 88 5.80 24.52 27.23
CA GLN B 88 7.10 24.37 26.52
C GLN B 88 6.97 23.64 25.17
N LEU B 89 5.75 23.26 24.75
CA LEU B 89 5.62 22.41 23.57
C LEU B 89 6.13 23.20 22.37
N ALA B 90 5.64 24.44 22.16
CA ALA B 90 6.06 25.23 20.97
C ALA B 90 7.57 25.51 21.05
N THR B 91 8.09 25.79 22.22
CA THR B 91 9.53 26.09 22.43
C THR B 91 10.36 24.88 22.01
N ARG B 92 9.92 23.69 22.45
CA ARG B 92 10.68 22.45 22.18
C ARG B 92 10.62 22.14 20.70
N GLN B 93 9.45 22.30 20.06
CA GLN B 93 9.37 21.98 18.61
C GLN B 93 10.32 22.92 17.88
N ALA B 94 10.38 24.19 18.27
CA ALA B 94 11.20 25.22 17.59
C ALA B 94 12.66 24.89 17.75
N GLN B 95 13.07 24.53 18.97
N GLN B 95 13.06 24.49 18.97
CA GLN B 95 14.48 24.21 19.26
CA GLN B 95 14.48 24.23 19.34
C GLN B 95 14.89 22.97 18.46
C GLN B 95 14.96 22.92 18.69
N GLN B 96 14.07 21.92 18.53
CA GLN B 96 14.48 20.58 18.02
C GLN B 96 14.20 20.43 16.54
N GLY B 97 13.26 21.20 15.98
CA GLY B 97 12.96 21.15 14.55
C GLY B 97 12.21 19.88 14.16
N TRP B 98 11.31 19.37 15.00
CA TRP B 98 10.47 18.17 14.63
C TRP B 98 9.72 18.46 13.33
N ALA B 99 9.59 17.46 12.46
CA ALA B 99 8.73 17.56 11.26
C ALA B 99 7.30 17.11 11.61
N THR B 100 7.18 16.35 12.70
CA THR B 100 5.91 15.72 13.12
C THR B 100 5.75 15.80 14.63
N VAL B 101 4.52 15.92 15.08
CA VAL B 101 4.20 15.91 16.53
C VAL B 101 2.97 15.01 16.77
N PHE B 102 3.06 14.24 17.84
CA PHE B 102 1.95 13.39 18.36
C PHE B 102 1.29 14.08 19.57
N SER B 103 -0.01 13.82 19.74
CA SER B 103 -0.77 14.36 20.87
C SER B 103 -1.12 13.29 21.90
N LEU B 104 -2.24 13.45 22.58
CA LEU B 104 -2.54 12.79 23.86
C LEU B 104 -2.54 11.28 23.67
N ASN B 105 -1.96 10.58 24.64
CA ASN B 105 -1.89 9.09 24.63
C ASN B 105 -3.13 8.45 25.24
N GLU B 106 -3.99 7.81 24.43
CA GLU B 106 -5.15 7.02 24.98
C GLU B 106 -6.08 7.85 25.87
N PRO B 107 -6.49 9.09 25.48
CA PRO B 107 -7.41 9.88 26.28
C PRO B 107 -8.76 9.14 26.44
N ASP B 108 -9.07 8.26 25.48
CA ASP B 108 -10.30 7.43 25.42
C ASP B 108 -10.47 6.53 26.66
N ILE B 109 -9.43 6.23 27.43
CA ILE B 109 -9.50 5.42 28.66
C ILE B 109 -8.82 6.15 29.80
N ASN B 110 -8.61 7.47 29.70
CA ASN B 110 -7.96 8.23 30.79
C ASN B 110 -8.85 9.42 31.22
N GLY B 111 -10.17 9.28 31.05
CA GLY B 111 -11.18 10.23 31.52
C GLY B 111 -11.02 11.62 30.92
N ILE B 112 -10.60 11.74 29.66
CA ILE B 112 -10.65 13.00 28.88
C ILE B 112 -11.75 12.88 27.85
N THR B 113 -12.81 13.69 27.88
CA THR B 113 -13.88 13.67 26.88
C THR B 113 -13.30 14.09 25.53
N PRO B 114 -13.95 13.67 24.43
CA PRO B 114 -13.62 14.20 23.11
C PRO B 114 -13.64 15.74 23.01
N ALA B 115 -14.61 16.39 23.63
CA ALA B 115 -14.73 17.85 23.59
C ALA B 115 -13.55 18.49 24.35
N GLU B 116 -13.17 17.95 25.50
CA GLU B 116 -12.01 18.49 26.22
C GLU B 116 -10.73 18.33 25.37
N ALA B 117 -10.60 17.18 24.73
CA ALA B 117 -9.42 16.92 23.89
C ALA B 117 -9.39 17.93 22.73
N ALA B 118 -10.52 18.19 22.08
CA ALA B 118 -10.59 19.07 20.89
C ALA B 118 -10.20 20.51 21.30
N SER B 119 -10.77 20.97 22.41
N SER B 119 -10.74 21.01 22.41
CA SER B 119 -10.48 22.31 22.99
CA SER B 119 -10.45 22.36 22.96
C SER B 119 -8.98 22.44 23.23
C SER B 119 -8.97 22.51 23.31
N TRP B 120 -8.42 21.50 24.00
CA TRP B 120 -6.98 21.45 24.37
C TRP B 120 -6.14 21.37 23.10
N TYR B 121 -6.51 20.53 22.15
CA TYR B 121 -5.74 20.36 20.90
C TYR B 121 -5.70 21.71 20.13
N ILE B 122 -6.85 22.34 19.96
CA ILE B 122 -6.91 23.65 19.26
C ILE B 122 -5.99 24.63 19.99
N GLU B 123 -6.02 24.69 21.31
CA GLU B 123 -5.25 25.71 22.05
C GLU B 123 -3.74 25.42 21.87
N TRP B 124 -3.33 24.16 22.03
CA TRP B 124 -1.88 23.84 22.25
C TRP B 124 -1.18 23.19 21.06
N VAL B 125 -1.86 22.36 20.26
CA VAL B 125 -1.19 21.59 19.18
C VAL B 125 -1.36 22.32 17.85
N ASN B 126 -2.55 22.86 17.60
CA ASN B 126 -2.85 23.61 16.35
C ASN B 126 -1.71 24.58 16.02
N PRO B 127 -1.12 25.33 16.96
CA PRO B 127 -0.10 26.32 16.59
C PRO B 127 1.20 25.75 16.01
N LEU B 128 1.48 24.47 16.25
CA LEU B 128 2.68 23.85 15.65
C LEU B 128 2.43 23.67 14.16
N ALA B 129 3.13 24.44 13.33
CA ALA B 129 2.87 24.46 11.87
C ALA B 129 3.69 23.36 11.18
N ILE B 130 3.48 22.12 11.61
CA ILE B 130 4.15 20.90 11.09
C ILE B 130 3.08 19.80 11.02
N LYS B 131 3.51 18.59 10.67
CA LYS B 131 2.58 17.42 10.54
C LYS B 131 2.16 17.05 11.95
N LYS B 132 0.86 16.75 12.13
CA LYS B 132 0.26 16.60 13.47
C LYS B 132 -0.69 15.38 13.45
N ALA B 133 -0.66 14.60 14.51
CA ALA B 133 -1.60 13.48 14.70
C ALA B 133 -2.60 13.78 15.81
N LEU B 134 -3.86 13.47 15.52
CA LEU B 134 -4.86 13.38 16.58
C LEU B 134 -4.45 12.32 17.60
N PRO B 135 -4.98 12.45 18.83
CA PRO B 135 -4.57 11.56 19.94
C PRO B 135 -4.68 10.07 19.61
N ALA B 136 -3.71 9.29 20.06
CA ALA B 136 -3.72 7.82 19.93
C ALA B 136 -4.90 7.25 20.71
N VAL B 137 -5.78 6.51 20.02
CA VAL B 137 -6.87 5.85 20.72
C VAL B 137 -6.62 4.34 20.78
N THR B 138 -7.26 3.69 21.75
CA THR B 138 -7.19 2.20 21.94
C THR B 138 -8.08 1.51 20.89
N SER B 139 -8.05 0.16 20.86
CA SER B 139 -8.82 -0.63 19.87
C SER B 139 -10.18 -1.03 20.48
N SER B 140 -10.56 -0.44 21.59
CA SER B 140 -11.89 -0.68 22.19
C SER B 140 -13.00 -0.42 21.16
N THR B 141 -14.04 -1.28 21.22
CA THR B 141 -15.29 -1.16 20.43
C THR B 141 -16.33 -0.47 21.30
N THR B 142 -16.07 -0.17 22.55
CA THR B 142 -17.06 0.48 23.45
C THR B 142 -17.41 1.90 22.97
N SER B 143 -18.68 2.31 23.09
CA SER B 143 -19.09 3.72 22.95
C SER B 143 -18.18 4.64 23.77
N GLY B 144 -17.73 5.74 23.20
CA GLY B 144 -16.92 6.74 23.87
C GLY B 144 -15.52 6.25 24.13
N GLN B 145 -15.13 5.18 23.46
CA GLN B 145 -13.71 4.71 23.52
C GLN B 145 -13.24 4.46 22.10
N GLY B 146 -11.94 4.26 21.88
CA GLY B 146 -11.48 3.82 20.56
C GLY B 146 -11.96 4.71 19.44
N LEU B 147 -12.40 4.12 18.33
CA LEU B 147 -12.81 4.88 17.14
C LEU B 147 -14.09 5.67 17.42
N SER B 148 -14.90 5.20 18.37
CA SER B 148 -16.12 5.95 18.75
C SER B 148 -15.66 7.29 19.37
N TRP B 149 -14.74 7.25 20.32
CA TRP B 149 -14.16 8.47 20.93
C TRP B 149 -13.59 9.36 19.84
N LEU B 150 -12.83 8.77 18.89
CA LEU B 150 -12.17 9.57 17.84
C LEU B 150 -13.24 10.24 16.96
N SER B 151 -14.30 9.52 16.60
CA SER B 151 -15.43 10.08 15.80
C SER B 151 -15.99 11.30 16.57
N GLU B 152 -16.20 11.13 17.90
CA GLU B 152 -16.78 12.23 18.72
C GLU B 152 -15.79 13.41 18.74
N MET B 153 -14.47 13.14 18.81
CA MET B 153 -13.48 14.24 18.87
C MET B 153 -13.51 15.00 17.54
N ILE B 154 -13.62 14.29 16.42
CA ILE B 154 -13.61 14.92 15.08
C ILE B 154 -14.88 15.77 14.98
N SER B 155 -15.99 15.29 15.52
CA SER B 155 -17.27 16.06 15.57
C SER B 155 -17.12 17.33 16.44
N ALA B 156 -16.49 17.21 17.60
CA ALA B 156 -16.31 18.34 18.54
C ALA B 156 -15.38 19.40 17.89
N CYS B 157 -14.36 18.95 17.19
CA CYS B 157 -13.42 19.81 16.43
C CYS B 157 -14.21 20.70 15.45
N ALA B 158 -15.19 20.12 14.77
CA ALA B 158 -16.04 20.85 13.83
C ALA B 158 -15.15 21.65 12.86
N GLY B 159 -14.11 21.02 12.32
CA GLY B 159 -13.23 21.61 11.29
C GLY B 159 -12.10 22.53 11.84
N ALA B 160 -12.05 22.80 13.14
CA ALA B 160 -11.16 23.83 13.73
C ALA B 160 -9.84 23.19 14.16
N CYS B 161 -9.78 21.86 14.17
CA CYS B 161 -8.53 21.13 14.50
C CYS B 161 -7.75 20.96 13.22
N TYR B 162 -6.49 21.34 13.24
CA TYR B 162 -5.63 21.05 12.08
C TYR B 162 -4.91 19.75 12.40
N PHE B 163 -4.97 18.77 11.52
CA PHE B 163 -4.30 17.47 11.73
C PHE B 163 -4.04 16.83 10.36
N ASP B 164 -3.04 15.93 10.34
CA ASP B 164 -2.70 15.13 9.15
C ASP B 164 -3.13 13.66 9.40
N TYR B 165 -2.97 13.15 10.62
CA TYR B 165 -3.04 11.69 10.88
C TYR B 165 -4.03 11.37 11.99
N ILE B 166 -4.68 10.23 11.90
CA ILE B 166 -5.29 9.52 13.04
C ILE B 166 -4.28 8.50 13.56
N ASN B 167 -4.23 8.37 14.88
CA ASN B 167 -3.19 7.61 15.59
C ASN B 167 -3.89 6.42 16.26
N LEU B 168 -3.48 5.19 15.93
CA LEU B 168 -4.11 3.97 16.45
C LEU B 168 -3.14 3.22 17.37
N HIS B 169 -3.69 2.62 18.42
CA HIS B 169 -3.03 1.52 19.17
C HIS B 169 -3.77 0.23 18.85
N TRP B 170 -3.05 -0.90 18.90
CA TRP B 170 -3.74 -2.21 18.82
C TRP B 170 -2.99 -3.23 19.65
N TYR B 171 -3.71 -3.88 20.54
CA TYR B 171 -3.23 -5.09 21.23
C TYR B 171 -4.34 -6.12 21.13
N GLY B 172 -3.97 -7.33 20.75
CA GLY B 172 -4.95 -8.43 20.63
C GLY B 172 -4.26 -9.75 20.44
N THR B 173 -5.01 -10.75 19.93
CA THR B 173 -4.57 -12.14 20.03
C THR B 173 -4.15 -12.70 18.69
N SER B 174 -4.41 -12.05 17.55
CA SER B 174 -4.02 -12.67 16.26
C SER B 174 -3.74 -11.61 15.20
N PHE B 175 -3.01 -12.02 14.18
CA PHE B 175 -2.73 -11.14 13.03
C PHE B 175 -4.07 -10.92 12.32
N ALA B 176 -4.88 -11.97 12.20
CA ALA B 176 -6.17 -11.82 11.49
C ALA B 176 -7.04 -10.72 12.15
N GLU B 177 -7.11 -10.71 13.48
N GLU B 177 -7.09 -10.66 13.48
CA GLU B 177 -7.82 -9.66 14.26
CA GLU B 177 -7.90 -9.63 14.20
C GLU B 177 -7.23 -8.29 13.91
C GLU B 177 -7.25 -8.25 14.07
N PHE B 178 -5.91 -8.16 13.96
CA PHE B 178 -5.23 -6.88 13.69
C PHE B 178 -5.59 -6.40 12.28
N GLN B 179 -5.45 -7.27 11.28
CA GLN B 179 -5.83 -6.94 9.89
C GLN B 179 -7.27 -6.45 9.86
N ALA B 180 -8.18 -7.17 10.51
CA ALA B 180 -9.60 -6.75 10.47
C ALA B 180 -9.74 -5.38 11.12
N TYR B 181 -8.98 -5.09 12.18
CA TYR B 181 -9.12 -3.80 12.89
C TYR B 181 -8.62 -2.63 11.99
N ILE B 182 -7.47 -2.79 11.35
CA ILE B 182 -6.92 -1.74 10.45
C ILE B 182 -7.90 -1.55 9.28
N GLU B 183 -8.41 -2.64 8.71
CA GLU B 183 -9.36 -2.52 7.59
C GLU B 183 -10.62 -1.80 8.12
N GLN B 184 -11.12 -2.13 9.32
CA GLN B 184 -12.33 -1.45 9.90
C GLN B 184 -12.03 0.04 9.99
N ALA B 185 -10.89 0.43 10.59
CA ALA B 185 -10.47 1.83 10.73
C ALA B 185 -10.52 2.51 9.36
N HIS B 186 -9.86 1.91 8.36
CA HIS B 186 -9.85 2.50 7.01
C HIS B 186 -11.27 2.65 6.46
N ASN B 187 -12.08 1.60 6.57
CA ASN B 187 -13.48 1.63 6.09
C ASN B 187 -14.24 2.83 6.69
N GLN B 188 -14.02 3.08 7.98
CA GLN B 188 -14.76 4.11 8.75
C GLN B 188 -14.19 5.51 8.46
N PHE B 189 -12.91 5.60 8.10
CA PHE B 189 -12.12 6.85 7.92
C PHE B 189 -11.38 6.77 6.58
N PRO B 190 -12.07 6.60 5.45
CA PRO B 190 -11.36 6.27 4.20
C PRO B 190 -10.48 7.38 3.64
N SER B 191 -10.78 8.66 3.95
CA SER B 191 -9.98 9.79 3.42
C SER B 191 -8.81 10.08 4.37
N TYR B 192 -8.67 9.32 5.46
CA TYR B 192 -7.68 9.66 6.51
C TYR B 192 -6.37 8.88 6.31
N THR B 193 -5.32 9.38 6.94
CA THR B 193 -3.98 8.77 6.97
C THR B 193 -3.70 8.27 8.40
N ILE B 194 -3.24 7.01 8.50
CA ILE B 194 -3.07 6.30 9.78
C ILE B 194 -1.60 6.26 10.15
N VAL B 195 -1.34 6.50 11.42
CA VAL B 195 -0.08 6.11 12.07
C VAL B 195 -0.43 5.16 13.22
N ILE B 196 0.37 4.11 13.36
CA ILE B 196 0.12 3.09 14.41
C ILE B 196 1.25 3.27 15.42
N SER B 197 0.98 3.92 16.53
CA SER B 197 2.06 4.31 17.46
C SER B 197 2.40 3.20 18.45
N GLU B 198 1.56 2.18 18.59
CA GLU B 198 1.84 1.03 19.48
C GLU B 198 1.07 -0.16 18.93
N PHE B 199 1.71 -1.28 18.74
CA PHE B 199 0.98 -2.55 18.50
C PHE B 199 1.86 -3.73 18.86
N ALA B 200 1.19 -4.76 19.37
CA ALA B 200 1.74 -6.07 19.69
C ALA B 200 0.59 -7.05 19.98
N LEU B 201 0.92 -8.34 20.04
CA LEU B 201 0.00 -9.30 20.64
C LEU B 201 -0.03 -9.09 22.14
N THR B 202 -1.12 -9.46 22.79
CA THR B 202 -1.08 -9.62 24.25
C THR B 202 -0.24 -10.86 24.64
N ASN B 203 0.10 -10.99 25.92
CA ASN B 203 1.03 -12.02 26.41
C ASN B 203 0.55 -13.41 25.99
N GLY B 204 1.45 -14.22 25.45
CA GLY B 204 1.20 -15.64 25.14
C GLY B 204 1.50 -15.96 23.69
N GLY B 205 1.00 -15.16 22.79
CA GLY B 205 1.15 -15.43 21.36
C GLY B 205 2.58 -15.22 20.87
N ASN B 206 2.84 -15.83 19.73
CA ASN B 206 4.11 -15.78 18.97
C ASN B 206 4.20 -14.39 18.35
N GLN B 207 4.95 -13.49 18.99
CA GLN B 207 5.17 -12.10 18.53
C GLN B 207 5.92 -12.12 17.20
N VAL B 208 6.92 -13.01 17.03
CA VAL B 208 7.71 -13.01 15.76
C VAL B 208 6.75 -13.28 14.61
N ALA B 209 5.88 -14.29 14.74
CA ALA B 209 4.95 -14.66 13.63
C ALA B 209 4.02 -13.48 13.35
N PHE B 210 3.51 -12.87 14.39
CA PHE B 210 2.62 -11.68 14.28
C PHE B 210 3.30 -10.58 13.47
N PHE B 211 4.50 -10.14 13.89
CA PHE B 211 5.17 -9.01 13.19
C PHE B 211 5.60 -9.45 11.80
N GLU B 212 6.01 -10.71 11.59
CA GLU B 212 6.37 -11.20 10.24
C GLU B 212 5.16 -11.09 9.31
N SER B 213 3.94 -11.24 9.82
CA SER B 213 2.73 -11.05 9.00
C SER B 213 2.44 -9.55 8.88
N ALA B 214 2.52 -8.83 9.98
CA ALA B 214 2.05 -7.44 10.08
C ALA B 214 2.91 -6.51 9.22
N PHE B 215 4.23 -6.70 9.15
CA PHE B 215 5.07 -5.69 8.45
C PHE B 215 4.73 -5.64 6.95
N PRO B 216 4.71 -6.76 6.20
CA PRO B 216 4.35 -6.71 4.78
C PRO B 216 2.91 -6.23 4.58
N PHE B 217 1.99 -6.60 5.46
CA PHE B 217 0.57 -6.13 5.37
C PHE B 217 0.58 -4.58 5.39
N LEU B 218 1.20 -4.01 6.43
CA LEU B 218 1.16 -2.55 6.65
C LEU B 218 1.99 -1.83 5.56
N ASP B 219 3.15 -2.38 5.20
CA ASP B 219 4.00 -1.82 4.12
C ASP B 219 3.17 -1.70 2.83
N GLY B 220 2.18 -2.56 2.59
CA GLY B 220 1.40 -2.53 1.34
C GLY B 220 0.19 -1.59 1.35
N LEU B 221 -0.15 -1.03 2.51
CA LEU B 221 -1.30 -0.10 2.65
C LEU B 221 -0.84 1.37 2.48
N SER B 222 -1.29 2.01 1.41
CA SER B 222 -0.85 3.40 1.07
C SER B 222 -1.39 4.42 2.07
N TYR B 223 -2.35 4.05 2.93
CA TYR B 223 -2.93 4.95 3.93
C TYR B 223 -2.27 4.78 5.29
N VAL B 224 -1.29 3.88 5.44
CA VAL B 224 -0.52 3.76 6.70
C VAL B 224 0.83 4.38 6.43
N LEU B 225 1.14 5.46 7.12
CA LEU B 225 2.40 6.22 6.94
C LEU B 225 3.50 5.66 7.84
N LEU B 226 3.20 5.37 9.10
CA LEU B 226 4.20 4.93 10.09
C LEU B 226 3.62 3.86 11.01
N TYR B 227 4.43 2.91 11.42
CA TYR B 227 4.04 1.97 12.49
C TYR B 227 5.24 1.70 13.39
N PHE B 228 4.91 1.62 14.67
CA PHE B 228 5.86 1.45 15.78
C PHE B 228 5.44 0.24 16.63
N PRO B 229 6.17 -0.90 16.56
CA PRO B 229 5.96 -2.01 17.48
C PRO B 229 6.13 -1.56 18.93
N PHE B 230 5.22 -1.97 19.78
CA PHE B 230 5.45 -1.95 21.23
C PHE B 230 6.34 -3.15 21.52
N VAL B 231 7.66 -2.98 21.77
CA VAL B 231 8.30 -1.79 22.29
C VAL B 231 9.81 -1.87 22.00
N ALA B 232 10.44 -0.73 21.69
CA ALA B 232 11.89 -0.70 21.33
C ALA B 232 12.69 -0.64 22.63
N THR B 233 12.63 -1.71 23.42
CA THR B 233 13.50 -1.88 24.61
C THR B 233 13.83 -3.36 24.80
N SER B 234 14.58 -3.64 25.86
CA SER B 234 14.93 -5.01 26.26
C SER B 234 13.96 -5.53 27.31
N PRO B 235 13.84 -6.86 27.44
CA PRO B 235 13.03 -7.45 28.50
C PRO B 235 13.45 -6.99 29.90
N ALA B 236 14.74 -6.98 30.18
CA ALA B 236 15.20 -6.58 31.52
C ALA B 236 14.76 -5.14 31.82
N LEU B 237 14.86 -4.23 30.86
CA LEU B 237 14.50 -2.82 31.11
C LEU B 237 12.97 -2.67 31.19
N LEU B 238 12.25 -3.44 30.38
CA LEU B 238 10.76 -3.43 30.43
C LEU B 238 10.31 -3.89 31.81
N GLN B 239 10.81 -5.00 32.31
CA GLN B 239 10.39 -5.52 33.63
C GLN B 239 10.78 -4.55 34.75
N ALA B 240 11.98 -3.95 34.70
CA ALA B 240 12.48 -3.09 35.79
C ALA B 240 11.65 -1.80 35.84
N ASN B 241 11.12 -1.33 34.70
CA ASN B 241 10.56 0.04 34.61
C ASN B 241 9.07 0.05 34.27
N ASP B 242 8.54 -1.02 33.68
CA ASP B 242 7.12 -1.08 33.25
C ASP B 242 6.63 -2.52 33.44
N PRO B 243 6.66 -3.02 34.68
CA PRO B 243 6.26 -4.40 34.94
C PRO B 243 4.80 -4.66 34.52
N GLY B 244 3.95 -3.64 34.52
CA GLY B 244 2.57 -3.81 34.04
C GLY B 244 2.50 -4.21 32.56
N ALA B 245 3.38 -3.66 31.71
CA ALA B 245 3.44 -4.04 30.29
C ALA B 245 3.89 -5.50 30.16
N VAL B 246 4.85 -5.96 31.00
CA VAL B 246 5.27 -7.40 30.95
C VAL B 246 4.04 -8.28 31.23
N THR B 247 3.19 -7.92 32.18
CA THR B 247 2.00 -8.74 32.45
C THR B 247 1.08 -8.76 31.21
N THR B 248 0.88 -7.60 30.58
N THR B 248 0.91 -7.64 30.53
CA THR B 248 -0.13 -7.42 29.50
CA THR B 248 -0.18 -7.49 29.54
C THR B 248 0.39 -8.06 28.20
C THR B 248 0.30 -7.86 28.12
N VAL B 249 1.62 -7.69 27.85
CA VAL B 249 2.20 -7.99 26.53
C VAL B 249 3.20 -9.14 26.58
N GLY B 250 3.81 -9.39 27.75
CA GLY B 250 4.99 -10.27 27.85
C GLY B 250 6.27 -9.57 27.41
N THR B 251 7.31 -10.34 27.09
CA THR B 251 8.66 -9.85 26.73
C THR B 251 8.97 -10.16 25.27
N GLY B 252 8.09 -10.86 24.52
CA GLY B 252 8.45 -11.30 23.17
C GLY B 252 8.40 -10.20 22.13
N SER B 253 7.80 -9.05 22.42
CA SER B 253 7.72 -7.94 21.43
C SER B 253 8.83 -6.93 21.70
N CYS B 254 9.69 -7.16 22.69
CA CYS B 254 10.84 -6.26 22.87
C CYS B 254 11.81 -6.38 21.68
N LEU B 255 12.20 -5.25 21.08
CA LEU B 255 13.01 -5.24 19.84
C LEU B 255 14.48 -5.52 20.17
N TYR B 256 14.87 -5.34 21.41
CA TYR B 256 16.27 -5.53 21.84
C TYR B 256 16.42 -6.78 22.72
N THR B 257 17.58 -7.43 22.62
CA THR B 257 18.05 -8.42 23.60
C THR B 257 18.52 -7.66 24.83
N ASN B 258 18.73 -8.34 25.96
CA ASN B 258 19.28 -7.66 27.17
C ASN B 258 20.68 -7.10 26.86
N ALA B 259 21.42 -7.73 25.94
CA ALA B 259 22.76 -7.28 25.49
C ALA B 259 22.67 -6.02 24.62
N GLY B 260 21.48 -5.59 24.17
CA GLY B 260 21.41 -4.34 23.40
C GLY B 260 21.61 -4.56 21.91
N GLY B 261 21.51 -5.81 21.46
CA GLY B 261 21.41 -6.16 20.04
C GLY B 261 19.96 -6.36 19.66
N PRO B 262 19.70 -6.60 18.38
CA PRO B 262 18.36 -6.89 17.90
C PRO B 262 17.89 -8.27 18.42
N SER B 263 16.68 -8.32 18.95
CA SER B 263 15.98 -9.59 19.20
C SER B 263 15.48 -10.22 17.89
N SER B 264 14.79 -11.35 18.00
CA SER B 264 14.11 -11.98 16.83
C SER B 264 13.11 -11.02 16.23
N VAL B 265 12.39 -10.24 17.04
CA VAL B 265 11.47 -9.22 16.48
C VAL B 265 12.26 -8.01 15.99
N GLY B 266 13.33 -7.59 16.69
CA GLY B 266 14.18 -6.50 16.20
C GLY B 266 14.78 -6.82 14.86
N ASN B 267 15.12 -8.08 14.58
CA ASN B 267 15.73 -8.47 13.27
C ASN B 267 14.72 -8.24 12.14
N LEU B 268 13.43 -8.24 12.44
CA LEU B 268 12.37 -7.99 11.42
C LEU B 268 12.31 -6.50 11.02
N MET B 269 12.91 -5.61 11.80
CA MET B 269 12.86 -4.15 11.54
C MET B 269 13.72 -3.81 10.32
N TYR B 270 14.80 -4.55 10.06
CA TYR B 270 15.76 -4.17 9.00
C TYR B 270 15.12 -4.36 7.63
C2 BGC C . 9.31 -3.04 -16.35
C3 BGC C . 10.82 -3.27 -16.06
C4 BGC C . 11.16 -3.36 -14.55
C5 BGC C . 10.24 -4.38 -13.89
C6 BGC C . 10.61 -4.56 -12.42
C1 BGC C . 8.44 -4.03 -15.50
O1 BGC C . 7.00 -3.75 -15.52
O2 BGC C . 9.10 -3.07 -17.80
O3 BGC C . 11.60 -2.21 -16.62
O4 BGC C . 12.53 -3.73 -14.32
O5 BGC C . 8.89 -3.91 -14.11
O6 BGC C . 10.35 -3.36 -11.67
C2 BGC C . 13.10 -1.56 -18.37
C3 BGC C . 14.37 -2.04 -19.14
C4 BGC C . 15.52 -2.47 -18.22
C5 BGC C . 14.94 -3.55 -17.27
C6 BGC C . 15.91 -4.24 -16.31
C1 BGC C . 12.76 -2.64 -17.34
O2 BGC C . 11.96 -1.30 -19.23
O3 BGC C . 14.85 -0.97 -19.96
O4 BGC C . 16.65 -2.92 -18.98
O5 BGC C . 13.90 -2.93 -16.50
O6 BGC C . 16.85 -3.29 -15.84
C2 BGC C . 14.80 0.08 -22.16
C3 BGC C . 14.34 -0.07 -23.63
C4 BGC C . 14.85 -1.44 -24.16
C5 BGC C . 14.36 -2.60 -23.24
C6 BGC C . 14.91 -3.95 -23.69
C1 BGC C . 14.40 -1.17 -21.33
O2 BGC C . 14.27 1.26 -21.48
O3 BGC C . 14.78 1.01 -24.48
O4 BGC C . 14.41 -1.63 -25.52
O5 BGC C . 14.85 -2.41 -21.92
O6 BGC C . 16.36 -3.96 -23.61
C2 BGC D . -11.06 15.53 -24.74
C3 BGC D . -10.53 14.33 -23.96
C4 BGC D . -9.36 14.79 -23.11
C5 BGC D . -9.77 15.98 -22.17
C6 BGC D . -8.66 16.67 -21.36
C1 BGC D . -11.45 16.62 -23.76
O1 BGC D . -11.86 17.76 -24.49
O2 BGC D . -12.23 15.15 -25.47
O3 BGC D . -10.11 13.36 -24.91
O4 BGC D . -8.95 13.67 -22.34
O5 BGC D . -10.32 17.01 -22.99
O6 BGC D . -7.56 16.76 -22.27
C2 BGC D . -10.76 11.39 -26.18
C3 BGC D . -11.77 10.25 -26.35
C4 BGC D . -11.98 9.55 -25.00
C5 BGC D . -12.26 10.58 -23.87
C6 BGC D . -12.38 9.93 -22.46
C1 BGC D . -11.08 12.29 -25.02
O2 BGC D . -10.75 12.14 -27.41
O3 BGC D . -11.31 9.29 -27.32
O4 BGC D . -13.02 8.62 -25.26
O5 BGC D . -11.17 11.51 -23.82
O6 BGC D . -11.07 9.38 -22.14
C2 BGC E . -1.00 26.28 9.27
C3 BGC E . -1.21 24.97 10.07
C4 BGC E . -1.46 25.32 11.51
C5 BGC E . -2.66 26.32 11.57
C6 BGC E . -3.11 26.82 12.91
C1 BGC E . -2.16 27.26 9.49
O1 BGC E . -1.84 28.54 8.86
O2 BGC E . -0.95 25.97 7.89
O3 BGC E . -0.01 24.19 9.95
O4 BGC E . -1.68 24.11 12.30
O5 BGC E . -2.23 27.49 10.90
O6 BGC E . -1.99 27.36 13.55
C2 BGC E . 1.18 22.50 8.62
C3 BGC E . 1.10 21.40 7.57
C4 BGC E . 0.07 20.34 7.98
C5 BGC E . -1.21 21.05 8.40
C6 BGC E . -2.29 20.10 8.97
C1 BGC E . -0.14 23.12 8.97
O2 BGC E . 2.05 23.54 8.15
O3 BGC E . 2.38 20.83 7.35
O4 BGC E . -0.15 19.42 6.89
O5 BGC E . -1.04 22.09 9.37
O6 BGC E . -1.82 19.59 10.28
CL CL F . -8.56 -6.18 -10.03
CL CL G . -5.50 -1.22 22.12
O1 MES H . 6.58 3.36 28.45
C2 MES H . 5.56 3.09 27.50
C3 MES H . 4.21 3.56 27.97
N4 MES H . 4.28 4.92 28.61
C5 MES H . 5.58 5.61 28.29
C6 MES H . 6.80 4.77 28.58
C7 MES H . 3.10 5.79 28.23
C8 MES H . 2.73 6.79 29.31
S MES H . 1.80 8.22 28.74
O1S MES H . 2.21 9.30 29.62
O2S MES H . 0.38 7.94 28.89
O3S MES H . 2.19 8.48 27.37
#